data_3TYI
#
_entry.id   3TYI
#
_cell.length_a   36.044
_cell.length_b   55.317
_cell.length_c   117.419
_cell.angle_alpha   90.00
_cell.angle_beta   90.00
_cell.angle_gamma   90.00
#
_symmetry.space_group_name_H-M   'P 21 21 21'
#
loop_
_entity.id
_entity.type
_entity.pdbx_description
1 polymer 'Cytochrome c iso-1'
2 non-polymer 'PROTOPORPHYRIN IX CONTAINING FE'
3 non-polymer '25,26,27,28-tetrahydroxypentacyclo[19.3.1.1~3,7~.1~9,13~.1~15,19~]octacosa-1(25),3(28),4,6,9(27),10,12,15(26),16,18,21,23-dodecaene-5,11,17,23-tetrasulfonic acid'
4 water water
#
_entity_poly.entity_id   1
_entity_poly.type   'polypeptide(L)'
_entity_poly.pdbx_seq_one_letter_code
;TEFKAGSAKKGATLFKTRCLQCHTVEKGGPHKVGPNLHGIFGRHSGQAEGYSYTDANIKKNVLWDENNMSEYLTNPKKYI
PGTKMAFGGLKKEKDRNDLITYLKKATE
;
_entity_poly.pdbx_strand_id   A,B
#
loop_
_chem_comp.id
_chem_comp.type
_chem_comp.name
_chem_comp.formula
HEM non-polymer 'PROTOPORPHYRIN IX CONTAINING FE' 'C34 H32 Fe N4 O4'
T3Y non-polymer '25,26,27,28-tetrahydroxypentacyclo[19.3.1.1~3,7~.1~9,13~.1~15,19~]octacosa-1(25),3(28),4,6,9(27),10,12,15(26),16,18,21,23-dodecaene-5,11,17,23-tetrasulfonic acid' 'C28 H24 O16 S4'
#
# COMPACT_ATOMS: atom_id res chain seq x y z
N THR A 1 -1.16 -1.39 -5.22
CA THR A 1 -0.50 -2.33 -6.18
C THR A 1 -1.12 -3.70 -6.08
N GLU A 2 -0.99 -4.46 -7.18
CA GLU A 2 -1.54 -5.80 -7.29
C GLU A 2 -0.45 -6.78 -7.74
N PHE A 3 0.27 -7.34 -6.77
CA PHE A 3 1.32 -8.30 -7.07
C PHE A 3 0.78 -9.51 -7.82
N LYS A 4 1.56 -9.97 -8.81
CA LYS A 4 1.27 -11.23 -9.50
CA LYS A 4 1.28 -11.22 -9.52
C LYS A 4 2.55 -12.05 -9.53
N ALA A 5 2.44 -13.32 -9.13
CA ALA A 5 3.60 -14.21 -9.10
C ALA A 5 4.27 -14.22 -10.47
N GLY A 6 5.58 -14.01 -10.45
CA GLY A 6 6.37 -13.94 -11.67
C GLY A 6 7.51 -14.93 -11.66
N SER A 7 8.68 -14.46 -12.07
CA SER A 7 9.84 -15.33 -12.18
C SER A 7 10.87 -15.03 -11.10
N ALA A 8 11.04 -15.96 -10.17
CA ALA A 8 12.08 -15.79 -9.14
C ALA A 8 13.48 -15.77 -9.76
N LYS A 9 13.64 -16.49 -10.88
CA LYS A 9 14.92 -16.53 -11.57
C LYS A 9 15.30 -15.11 -12.06
N LYS A 10 14.38 -14.43 -12.73
CA LYS A 10 14.67 -13.06 -13.11
CA LYS A 10 14.60 -13.03 -13.13
C LYS A 10 14.78 -12.15 -11.90
N GLY A 11 13.96 -12.41 -10.86
CA GLY A 11 14.05 -11.65 -9.64
C GLY A 11 15.41 -11.73 -8.95
N ALA A 12 16.01 -12.92 -8.99
CA ALA A 12 17.34 -13.11 -8.39
C ALA A 12 18.40 -12.22 -9.02
N THR A 13 18.34 -12.10 -10.34
CA THR A 13 19.26 -11.21 -11.05
C THR A 13 18.97 -9.74 -10.72
N LEU A 14 17.70 -9.36 -10.65
CA LEU A 14 17.36 -7.99 -10.24
C LEU A 14 17.87 -7.72 -8.83
N PHE A 15 17.75 -8.68 -7.92
CA PHE A 15 18.25 -8.47 -6.58
C PHE A 15 19.75 -8.26 -6.57
N LYS A 16 20.47 -9.09 -7.33
CA LYS A 16 21.93 -8.97 -7.40
C LYS A 16 22.35 -7.60 -7.90
N THR A 17 21.71 -7.11 -8.96
CA THR A 17 22.12 -5.85 -9.57
C THR A 17 21.59 -4.61 -8.83
N ARG A 18 20.45 -4.73 -8.15
CA ARG A 18 19.76 -3.55 -7.61
C ARG A 18 19.70 -3.45 -6.07
N CYS A 19 19.86 -4.56 -5.37
CA CYS A 19 19.64 -4.61 -3.91
C CYS A 19 20.80 -5.14 -3.09
N LEU A 20 21.55 -6.09 -3.65
CA LEU A 20 22.63 -6.76 -2.93
C LEU A 20 23.70 -5.83 -2.35
N GLN A 21 23.93 -4.69 -3.00
CA GLN A 21 24.82 -3.66 -2.49
C GLN A 21 24.52 -3.34 -1.02
N CYS A 22 23.25 -3.39 -0.64
CA CYS A 22 22.85 -2.91 0.68
C CYS A 22 22.15 -3.93 1.55
N HIS A 23 21.87 -5.12 1.00
CA HIS A 23 21.07 -6.11 1.70
C HIS A 23 21.54 -7.54 1.49
N THR A 24 21.46 -8.34 2.55
CA THR A 24 21.50 -9.80 2.45
C THR A 24 20.11 -10.37 2.74
N VAL A 25 19.88 -11.65 2.38
CA VAL A 25 18.58 -12.29 2.49
C VAL A 25 18.53 -13.55 3.36
N GLU A 26 19.69 -14.18 3.52
CA GLU A 26 19.80 -15.47 4.21
CA GLU A 26 19.85 -15.46 4.22
C GLU A 26 19.57 -15.32 5.72
N LYS A 27 19.03 -16.35 6.35
CA LYS A 27 18.88 -16.35 7.78
C LYS A 27 20.25 -16.19 8.43
N GLY A 28 20.33 -15.21 9.32
CA GLY A 28 21.58 -14.89 10.03
C GLY A 28 22.60 -14.12 9.22
N GLY A 29 22.23 -13.75 7.99
CA GLY A 29 23.05 -12.94 7.13
C GLY A 29 23.33 -11.56 7.73
N PRO A 30 24.45 -10.95 7.34
CA PRO A 30 24.83 -9.70 7.99
C PRO A 30 24.03 -8.49 7.51
N HIS A 31 23.80 -7.56 8.42
CA HIS A 31 23.38 -6.22 8.00
C HIS A 31 24.51 -5.59 7.20
N LYS A 32 24.14 -4.72 6.26
CA LYS A 32 25.08 -3.91 5.50
C LYS A 32 24.64 -2.46 5.68
N VAL A 33 24.62 -1.67 4.61
CA VAL A 33 24.01 -0.34 4.68
C VAL A 33 22.56 -0.49 5.12
N GLY A 34 21.89 -1.49 4.56
CA GLY A 34 20.53 -1.82 4.96
C GLY A 34 20.45 -3.11 5.75
N PRO A 35 19.27 -3.39 6.33
CA PRO A 35 19.08 -4.58 7.17
C PRO A 35 19.05 -5.89 6.36
N ASN A 36 19.54 -6.95 6.96
CA ASN A 36 19.25 -8.28 6.45
C ASN A 36 17.74 -8.48 6.38
N LEU A 37 17.28 -9.12 5.31
CA LEU A 37 15.85 -9.19 5.00
C LEU A 37 15.20 -10.54 5.31
N HIS A 38 15.92 -11.45 5.94
CA HIS A 38 15.31 -12.74 6.27
C HIS A 38 14.05 -12.51 7.10
N GLY A 39 12.95 -13.17 6.74
CA GLY A 39 11.71 -13.12 7.50
C GLY A 39 10.90 -11.86 7.30
N ILE A 40 11.25 -11.05 6.30
CA ILE A 40 10.60 -9.74 6.14
C ILE A 40 9.08 -9.84 5.91
N PHE A 41 8.66 -10.80 5.10
N PHE A 41 8.62 -10.92 5.28
CA PHE A 41 7.26 -10.93 4.76
CA PHE A 41 7.18 -11.13 5.01
C PHE A 41 6.53 -11.46 5.97
C PHE A 41 6.38 -11.78 6.15
N GLY A 42 5.44 -10.78 6.34
N GLY A 42 6.97 -11.89 7.34
CA GLY A 42 4.69 -11.18 7.51
CA GLY A 42 6.24 -12.40 8.48
C GLY A 42 5.22 -10.60 8.82
C GLY A 42 6.17 -11.38 9.62
N ARG A 43 6.22 -9.73 8.73
N ARG A 43 6.66 -10.17 9.40
CA ARG A 43 6.72 -9.04 9.92
CA ARG A 43 6.64 -9.17 10.44
C ARG A 43 6.55 -7.54 9.73
C ARG A 43 6.35 -7.75 9.92
N HIS A 44 6.44 -6.80 10.83
CA HIS A 44 6.28 -5.37 10.64
C HIS A 44 7.60 -4.73 10.26
N SER A 45 7.52 -3.56 9.62
CA SER A 45 8.70 -2.81 9.23
C SER A 45 9.54 -2.42 10.45
N GLY A 46 10.83 -2.24 10.20
CA GLY A 46 11.72 -1.65 11.20
C GLY A 46 12.04 -2.55 12.38
N GLN A 47 12.06 -3.86 12.14
CA GLN A 47 12.22 -4.83 13.24
C GLN A 47 13.36 -5.83 13.10
N ALA A 48 14.13 -5.80 12.02
CA ALA A 48 15.28 -6.75 11.88
C ALA A 48 16.20 -6.62 13.10
N GLU A 49 16.45 -7.72 13.79
CA GLU A 49 17.23 -7.67 15.03
C GLU A 49 18.63 -7.11 14.81
N GLY A 50 18.96 -6.10 15.61
CA GLY A 50 20.30 -5.54 15.60
C GLY A 50 20.54 -4.37 14.68
N TYR A 51 19.56 -4.01 13.85
CA TYR A 51 19.74 -2.95 12.86
C TYR A 51 19.11 -1.66 13.34
N SER A 52 19.84 -0.55 13.18
CA SER A 52 19.32 0.78 13.51
CA SER A 52 19.33 0.78 13.51
C SER A 52 18.60 1.42 12.33
N TYR A 53 17.28 1.51 12.47
CA TYR A 53 16.43 2.08 11.43
C TYR A 53 16.16 3.56 11.68
N THR A 54 15.72 4.26 10.63
CA THR A 54 15.11 5.58 10.84
C THR A 54 13.82 5.48 11.64
N ASP A 55 13.47 6.61 12.24
CA ASP A 55 12.19 6.73 12.90
CA ASP A 55 12.18 6.72 12.90
C ASP A 55 11.05 6.49 11.89
N ALA A 56 11.24 6.96 10.65
CA ALA A 56 10.24 6.77 9.62
C ALA A 56 9.94 5.29 9.33
N ASN A 57 10.99 4.48 9.16
CA ASN A 57 10.82 3.06 8.83
C ASN A 57 10.18 2.32 10.01
N ILE A 58 10.51 2.71 11.25
CA ILE A 58 9.91 2.06 12.41
C ILE A 58 8.44 2.45 12.58
N LYS A 59 8.18 3.76 12.52
CA LYS A 59 6.83 4.24 12.81
C LYS A 59 5.83 3.98 11.67
N LYS A 60 6.34 3.74 10.48
CA LYS A 60 5.47 3.28 9.39
C LYS A 60 4.70 2.04 9.85
N ASN A 61 5.40 1.14 10.55
CA ASN A 61 4.82 -0.03 11.20
C ASN A 61 3.91 -0.82 10.25
N VAL A 62 4.39 -1.06 9.04
CA VAL A 62 3.60 -1.77 8.03
C VAL A 62 3.87 -3.27 8.15
N LEU A 63 2.82 -4.08 8.09
CA LEU A 63 2.98 -5.54 7.98
C LEU A 63 3.29 -5.84 6.52
N TRP A 64 4.56 -6.15 6.22
CA TRP A 64 4.95 -6.34 4.83
C TRP A 64 4.23 -7.50 4.16
N ASP A 65 3.69 -7.23 2.99
CA ASP A 65 3.12 -8.26 2.12
C ASP A 65 3.53 -7.96 0.68
N GLU A 66 3.12 -8.81 -0.26
CA GLU A 66 3.57 -8.63 -1.64
CA GLU A 66 3.55 -8.67 -1.65
C GLU A 66 3.05 -7.35 -2.29
N ASN A 67 1.88 -6.88 -1.86
CA ASN A 67 1.30 -5.70 -2.51
C ASN A 67 1.90 -4.41 -2.00
N ASN A 68 2.02 -4.28 -0.69
CA ASN A 68 2.66 -3.08 -0.17
C ASN A 68 4.17 -3.06 -0.44
N MET A 69 4.77 -4.24 -0.58
CA MET A 69 6.17 -4.29 -0.99
C MET A 69 6.31 -3.75 -2.42
N SER A 70 5.36 -4.09 -3.30
CA SER A 70 5.38 -3.59 -4.67
C SER A 70 5.24 -2.08 -4.70
N GLU A 71 4.32 -1.53 -3.92
CA GLU A 71 4.21 -0.08 -3.80
C GLU A 71 5.50 0.56 -3.26
N TYR A 72 6.05 0.01 -2.17
CA TYR A 72 7.30 0.51 -1.62
C TYR A 72 8.41 0.53 -2.67
N LEU A 73 8.59 -0.59 -3.36
CA LEU A 73 9.71 -0.70 -4.28
C LEU A 73 9.52 0.13 -5.54
N THR A 74 8.30 0.58 -5.82
CA THR A 74 8.08 1.55 -6.90
C THR A 74 8.74 2.89 -6.62
N ASN A 75 8.70 3.30 -5.35
CA ASN A 75 9.21 4.60 -4.96
C ASN A 75 9.33 4.61 -3.45
N PRO A 76 10.49 4.16 -2.94
CA PRO A 76 10.60 3.97 -1.49
C PRO A 76 10.28 5.22 -0.65
N LYS A 77 10.82 6.37 -1.03
CA LYS A 77 10.61 7.57 -0.20
C LYS A 77 9.20 8.14 -0.30
N LYS A 78 8.46 7.80 -1.35
CA LYS A 78 7.06 8.18 -1.40
C LYS A 78 6.21 7.33 -0.45
N TYR A 79 6.55 6.05 -0.32
CA TYR A 79 5.82 5.16 0.57
C TYR A 79 6.23 5.38 2.03
N ILE A 80 7.53 5.61 2.24
CA ILE A 80 8.06 5.89 3.57
C ILE A 80 8.91 7.18 3.54
N PRO A 81 8.24 8.35 3.51
CA PRO A 81 8.96 9.61 3.57
C PRO A 81 9.88 9.64 4.78
N GLY A 82 11.09 10.12 4.58
CA GLY A 82 12.06 10.13 5.67
C GLY A 82 12.90 8.87 5.75
N THR A 83 12.64 7.92 4.87
CA THR A 83 13.52 6.74 4.79
C THR A 83 14.96 7.12 4.44
N LYS A 84 15.89 6.28 4.85
CA LYS A 84 17.28 6.38 4.45
CA LYS A 84 17.26 6.41 4.38
C LYS A 84 17.70 5.29 3.45
N MET A 85 16.73 4.65 2.81
CA MET A 85 17.04 3.74 1.71
C MET A 85 17.19 4.57 0.42
N ALA A 86 18.43 4.70 -0.02
CA ALA A 86 18.74 5.51 -1.22
C ALA A 86 18.59 4.64 -2.46
N PHE A 87 17.35 4.30 -2.74
CA PHE A 87 17.02 3.52 -3.94
C PHE A 87 15.82 4.20 -4.59
N GLY A 88 15.91 4.45 -5.89
CA GLY A 88 14.92 5.26 -6.60
C GLY A 88 13.62 4.55 -6.84
N GLY A 89 13.70 3.25 -7.07
CA GLY A 89 12.53 2.44 -7.33
C GLY A 89 12.66 1.61 -8.59
N LEU A 90 11.92 0.53 -8.61
CA LEU A 90 11.73 -0.28 -9.80
C LEU A 90 10.47 0.20 -10.46
N LYS A 91 10.60 0.91 -11.58
CA LYS A 91 9.45 1.53 -12.24
C LYS A 91 8.62 0.54 -13.04
N LYS A 92 9.20 -0.60 -13.40
CA LYS A 92 8.51 -1.58 -14.24
C LYS A 92 7.79 -2.63 -13.43
N GLU A 93 6.51 -2.83 -13.72
CA GLU A 93 5.70 -3.79 -12.99
C GLU A 93 6.25 -5.22 -13.03
N LYS A 94 6.70 -5.68 -14.20
CA LYS A 94 7.21 -7.04 -14.26
C LYS A 94 8.46 -7.21 -13.41
N ASP A 95 9.30 -6.17 -13.37
CA ASP A 95 10.48 -6.17 -12.49
C ASP A 95 10.06 -6.33 -11.02
N ARG A 96 9.05 -5.57 -10.59
CA ARG A 96 8.57 -5.68 -9.21
C ARG A 96 8.01 -7.06 -8.91
N ASN A 97 7.23 -7.62 -9.84
CA ASN A 97 6.68 -8.94 -9.61
C ASN A 97 7.79 -9.97 -9.55
N ASP A 98 8.76 -9.87 -10.44
CA ASP A 98 9.84 -10.87 -10.46
C ASP A 98 10.70 -10.75 -9.21
N LEU A 99 11.05 -9.52 -8.82
CA LEU A 99 11.86 -9.30 -7.63
C LEU A 99 11.15 -9.81 -6.39
N ILE A 100 9.86 -9.49 -6.24
CA ILE A 100 9.10 -9.92 -5.06
C ILE A 100 8.92 -11.44 -5.04
N THR A 101 8.74 -12.04 -6.21
CA THR A 101 8.70 -13.51 -6.31
C THR A 101 9.98 -14.14 -5.78
N TYR A 102 11.12 -13.60 -6.20
CA TYR A 102 12.36 -14.00 -5.63
C TYR A 102 12.44 -13.75 -4.12
N LEU A 103 12.09 -12.54 -3.70
CA LEU A 103 12.28 -12.16 -2.32
C LEU A 103 11.49 -13.06 -1.37
N LYS A 104 10.28 -13.44 -1.78
CA LYS A 104 9.47 -14.34 -0.97
C LYS A 104 10.18 -15.66 -0.73
N LYS A 105 10.83 -16.20 -1.77
CA LYS A 105 11.56 -17.45 -1.63
C LYS A 105 12.84 -17.26 -0.84
N ALA A 106 13.59 -16.21 -1.16
CA ALA A 106 14.94 -16.03 -0.63
C ALA A 106 14.98 -15.65 0.83
N THR A 107 13.91 -15.02 1.30
CA THR A 107 13.86 -14.55 2.68
C THR A 107 13.05 -15.48 3.58
N GLU A 108 12.54 -16.58 3.03
CA GLU A 108 11.82 -17.59 3.81
C GLU A 108 12.77 -18.25 4.80
N THR B 1 -1.36 -4.30 2.10
CA THR B 1 -2.68 -4.93 2.41
C THR B 1 -3.04 -5.97 1.35
N GLU B 2 -3.88 -6.93 1.73
CA GLU B 2 -4.32 -7.99 0.84
C GLU B 2 -5.86 -8.05 0.84
N PHE B 3 -6.48 -7.31 -0.07
CA PHE B 3 -7.94 -7.38 -0.20
C PHE B 3 -8.40 -8.81 -0.46
N LYS B 4 -9.48 -9.21 0.20
CA LYS B 4 -10.16 -10.48 -0.07
C LYS B 4 -11.64 -10.18 -0.25
N ALA B 5 -12.28 -10.93 -1.14
CA ALA B 5 -13.70 -10.76 -1.41
C ALA B 5 -14.52 -10.66 -0.13
N GLY B 6 -15.35 -9.61 -0.06
CA GLY B 6 -16.30 -9.44 1.02
C GLY B 6 -17.74 -9.42 0.52
N SER B 7 -18.61 -8.88 1.36
CA SER B 7 -20.04 -8.76 1.06
C SER B 7 -20.38 -7.32 0.68
N ALA B 8 -20.79 -7.08 -0.56
CA ALA B 8 -21.26 -5.76 -0.96
C ALA B 8 -22.44 -5.27 -0.11
N LYS B 9 -23.31 -6.19 0.31
CA LYS B 9 -24.45 -5.80 1.12
C LYS B 9 -23.98 -5.22 2.46
N LYS B 10 -23.06 -5.93 3.12
CA LYS B 10 -22.51 -5.43 4.37
C LYS B 10 -21.75 -4.13 4.13
N GLY B 11 -21.01 -4.06 3.02
CA GLY B 11 -20.31 -2.84 2.64
C GLY B 11 -21.19 -1.64 2.43
N ALA B 12 -22.40 -1.84 1.87
CA ALA B 12 -23.32 -0.73 1.64
C ALA B 12 -23.73 -0.11 2.97
N THR B 13 -23.92 -0.95 3.98
CA THR B 13 -24.29 -0.47 5.32
C THR B 13 -23.15 0.34 5.94
N LEU B 14 -21.93 -0.17 5.79
CA LEU B 14 -20.76 0.56 6.27
C LEU B 14 -20.60 1.89 5.56
N PHE B 15 -20.81 1.90 4.25
CA PHE B 15 -20.69 3.15 3.51
C PHE B 15 -21.70 4.18 4.02
N LYS B 16 -22.94 3.74 4.20
CA LYS B 16 -24.02 4.62 4.64
C LYS B 16 -23.68 5.26 5.98
N THR B 17 -23.18 4.45 6.90
CA THR B 17 -22.90 4.93 8.25
C THR B 17 -21.58 5.70 8.39
N ARG B 18 -20.60 5.41 7.54
CA ARG B 18 -19.24 5.94 7.76
C ARG B 18 -18.77 6.90 6.66
N CYS B 19 -19.38 6.83 5.48
CA CYS B 19 -18.87 7.57 4.33
C CYS B 19 -19.82 8.53 3.64
N LEU B 20 -21.08 8.12 3.57
CA LEU B 20 -22.11 8.84 2.83
C LEU B 20 -22.19 10.30 3.24
N GLN B 21 -21.91 10.62 4.51
CA GLN B 21 -21.91 11.99 5.00
CA GLN B 21 -21.96 12.00 4.95
C GLN B 21 -21.12 12.93 4.07
N CYS B 22 -19.98 12.44 3.58
CA CYS B 22 -19.06 13.24 2.79
C CYS B 22 -18.89 12.86 1.32
N HIS B 23 -19.44 11.71 0.93
CA HIS B 23 -19.23 11.17 -0.41
C HIS B 23 -20.47 10.61 -1.05
N THR B 24 -20.65 10.91 -2.32
CA THR B 24 -21.62 10.20 -3.16
C THR B 24 -20.85 9.20 -4.03
N VAL B 25 -21.52 8.15 -4.53
CA VAL B 25 -20.88 7.08 -5.31
C VAL B 25 -21.36 6.98 -6.76
N GLU B 26 -22.55 7.51 -7.03
CA GLU B 26 -23.19 7.37 -8.33
CA GLU B 26 -23.17 7.36 -8.34
C GLU B 26 -22.51 8.26 -9.38
N LYS B 27 -22.64 7.85 -10.64
CA LYS B 27 -22.11 8.63 -11.75
C LYS B 27 -22.73 10.01 -11.77
N GLY B 28 -21.89 11.04 -11.80
CA GLY B 28 -22.33 12.43 -11.76
C GLY B 28 -22.86 12.94 -10.44
N GLY B 29 -22.75 12.12 -9.40
CA GLY B 29 -23.17 12.52 -8.06
C GLY B 29 -22.43 13.75 -7.59
N PRO B 30 -23.06 14.54 -6.72
CA PRO B 30 -22.44 15.79 -6.29
C PRO B 30 -21.19 15.59 -5.42
N HIS B 31 -20.25 16.52 -5.53
CA HIS B 31 -19.22 16.64 -4.52
C HIS B 31 -19.87 17.21 -3.27
N LYS B 32 -19.40 16.77 -2.12
CA LYS B 32 -19.88 17.30 -0.84
C LYS B 32 -18.65 17.76 -0.11
N VAL B 33 -18.51 17.44 1.18
CA VAL B 33 -17.24 17.72 1.84
C VAL B 33 -16.11 17.03 1.07
N GLY B 34 -16.38 15.79 0.63
CA GLY B 34 -15.43 15.01 -0.18
C GLY B 34 -15.88 14.80 -1.63
N PRO B 35 -14.97 14.34 -2.48
CA PRO B 35 -15.30 14.18 -3.90
C PRO B 35 -16.25 13.01 -4.16
N ASN B 36 -17.07 13.15 -5.20
CA ASN B 36 -17.77 12.01 -5.70
C ASN B 36 -16.75 10.91 -6.06
N LEU B 37 -17.14 9.64 -5.83
CA LEU B 37 -16.21 8.51 -5.94
C LEU B 37 -16.46 7.64 -7.15
N HIS B 38 -17.37 8.05 -8.02
CA HIS B 38 -17.59 7.22 -9.21
C HIS B 38 -16.32 7.14 -10.06
N GLY B 39 -15.99 5.92 -10.48
CA GLY B 39 -14.79 5.68 -11.28
C GLY B 39 -13.48 5.72 -10.52
N ILE B 40 -13.54 5.70 -9.18
CA ILE B 40 -12.31 5.82 -8.37
C ILE B 40 -11.27 4.72 -8.64
N PHE B 41 -11.73 3.50 -8.84
CA PHE B 41 -10.80 2.39 -9.06
C PHE B 41 -10.23 2.50 -10.45
N GLY B 42 -8.92 2.33 -10.53
CA GLY B 42 -8.21 2.47 -11.79
C GLY B 42 -8.01 3.91 -12.23
N ARG B 43 -8.37 4.88 -11.38
CA ARG B 43 -8.02 6.28 -11.58
C ARG B 43 -6.92 6.65 -10.60
N HIS B 44 -6.06 7.60 -10.97
CA HIS B 44 -5.09 8.12 -10.00
C HIS B 44 -5.79 8.99 -8.97
N SER B 45 -5.22 9.03 -7.77
CA SER B 45 -5.76 9.86 -6.72
C SER B 45 -5.80 11.33 -7.11
N GLY B 46 -6.80 12.05 -6.62
CA GLY B 46 -6.86 13.49 -6.77
C GLY B 46 -7.23 13.99 -8.15
N GLN B 47 -8.03 13.21 -8.87
CA GLN B 47 -8.32 13.54 -10.26
C GLN B 47 -9.80 13.68 -10.62
N ALA B 48 -10.70 13.50 -9.66
CA ALA B 48 -12.13 13.66 -9.96
C ALA B 48 -12.35 15.08 -10.46
N GLU B 49 -13.10 15.20 -11.56
CA GLU B 49 -13.34 16.52 -12.14
C GLU B 49 -14.16 17.44 -11.23
N GLY B 50 -13.71 18.68 -11.10
CA GLY B 50 -14.46 19.70 -10.38
C GLY B 50 -14.27 19.73 -8.87
N TYR B 51 -13.40 18.88 -8.35
CA TYR B 51 -13.16 18.88 -6.91
C TYR B 51 -11.82 19.48 -6.57
N SER B 52 -11.79 20.30 -5.52
CA SER B 52 -10.56 20.92 -5.06
C SER B 52 -9.89 20.07 -3.98
N TYR B 53 -8.88 19.31 -4.40
CA TYR B 53 -8.15 18.41 -3.51
C TYR B 53 -6.99 19.12 -2.83
N THR B 54 -6.51 18.57 -1.72
CA THR B 54 -5.19 18.97 -1.21
C THR B 54 -4.11 18.57 -2.18
N ASP B 55 -3.01 19.31 -2.15
CA ASP B 55 -1.82 18.93 -2.88
CA ASP B 55 -1.82 18.93 -2.88
C ASP B 55 -1.40 17.51 -2.47
N ALA B 56 -1.56 17.18 -1.18
CA ALA B 56 -1.19 15.86 -0.65
C ALA B 56 -1.90 14.73 -1.39
N ASN B 57 -3.22 14.87 -1.57
CA ASN B 57 -3.96 13.82 -2.25
C ASN B 57 -3.53 13.70 -3.73
N ILE B 58 -3.31 14.83 -4.39
CA ILE B 58 -2.86 14.79 -5.78
C ILE B 58 -1.46 14.17 -5.90
N LYS B 59 -0.55 14.66 -5.04
CA LYS B 59 0.86 14.28 -5.08
C LYS B 59 1.08 12.81 -4.75
N LYS B 60 0.18 12.22 -3.95
CA LYS B 60 0.29 10.79 -3.64
C LYS B 60 0.31 10.00 -4.94
N ASN B 61 -0.46 10.47 -5.92
CA ASN B 61 -0.57 9.89 -7.26
C ASN B 61 -0.63 8.38 -7.25
N VAL B 62 -1.55 7.86 -6.45
CA VAL B 62 -1.70 6.42 -6.35
C VAL B 62 -2.78 5.98 -7.34
N LEU B 63 -2.54 4.90 -8.07
CA LEU B 63 -3.58 4.34 -8.92
C LEU B 63 -4.44 3.45 -8.02
N TRP B 64 -5.64 3.91 -7.70
CA TRP B 64 -6.43 3.22 -6.69
C TRP B 64 -6.78 1.81 -7.10
N ASP B 65 -6.55 0.87 -6.19
CA ASP B 65 -6.95 -0.51 -6.34
C ASP B 65 -7.47 -1.01 -5.00
N GLU B 66 -7.89 -2.27 -4.96
CA GLU B 66 -8.51 -2.77 -3.73
CA GLU B 66 -8.50 -2.86 -3.77
C GLU B 66 -7.52 -2.93 -2.59
N ASN B 67 -6.23 -3.10 -2.90
CA ASN B 67 -5.21 -3.26 -1.85
C ASN B 67 -4.77 -1.94 -1.24
N ASN B 68 -4.38 -0.97 -2.07
CA ASN B 68 -4.01 0.32 -1.53
C ASN B 68 -5.21 1.06 -0.91
N MET B 69 -6.41 0.82 -1.43
CA MET B 69 -7.61 1.36 -0.78
C MET B 69 -7.75 0.81 0.64
N SER B 70 -7.43 -0.46 0.81
CA SER B 70 -7.54 -1.06 2.12
C SER B 70 -6.54 -0.45 3.09
N GLU B 71 -5.29 -0.21 2.65
CA GLU B 71 -4.33 0.50 3.51
C GLU B 71 -4.81 1.91 3.82
N TYR B 72 -5.23 2.64 2.80
CA TYR B 72 -5.75 3.98 2.99
C TYR B 72 -6.85 4.02 4.06
N LEU B 73 -7.86 3.15 3.91
CA LEU B 73 -9.02 3.21 4.80
C LEU B 73 -8.72 2.75 6.22
N THR B 74 -7.57 2.08 6.42
CA THR B 74 -7.12 1.75 7.77
C THR B 74 -6.79 3.00 8.58
N ASN B 75 -6.19 3.97 7.90
CA ASN B 75 -5.78 5.21 8.53
C ASN B 75 -5.45 6.23 7.45
N PRO B 76 -6.45 6.99 7.00
CA PRO B 76 -6.28 7.88 5.85
C PRO B 76 -5.14 8.89 6.00
N LYS B 77 -5.04 9.47 7.19
CA LYS B 77 -4.08 10.56 7.42
C LYS B 77 -2.66 10.04 7.54
N LYS B 78 -2.51 8.75 7.78
CA LYS B 78 -1.20 8.13 7.76
C LYS B 78 -0.75 7.76 6.35
N TYR B 79 -1.69 7.29 5.53
CA TYR B 79 -1.37 6.91 4.15
C TYR B 79 -1.14 8.13 3.25
N ILE B 80 -1.94 9.16 3.43
CA ILE B 80 -1.77 10.42 2.69
C ILE B 80 -1.58 11.56 3.69
N PRO B 81 -0.33 11.74 4.17
CA PRO B 81 -0.03 12.78 5.14
C PRO B 81 -0.48 14.13 4.62
N GLY B 82 -1.26 14.85 5.41
CA GLY B 82 -1.76 16.13 4.99
C GLY B 82 -3.15 16.11 4.38
N THR B 83 -3.72 14.93 4.15
CA THR B 83 -5.06 14.86 3.56
C THR B 83 -6.08 15.55 4.45
N LYS B 84 -7.10 16.15 3.84
CA LYS B 84 -8.15 16.83 4.59
C LYS B 84 -9.36 15.94 4.88
N MET B 85 -9.26 14.65 4.53
CA MET B 85 -10.32 13.70 4.89
C MET B 85 -10.31 13.41 6.38
N ALA B 86 -11.36 13.83 7.08
CA ALA B 86 -11.46 13.67 8.53
C ALA B 86 -12.17 12.34 8.83
N PHE B 87 -11.39 11.28 8.88
CA PHE B 87 -11.92 9.96 9.11
C PHE B 87 -10.84 9.16 9.80
N GLY B 88 -11.17 8.57 10.93
CA GLY B 88 -10.17 7.86 11.75
C GLY B 88 -9.62 6.66 11.02
N GLY B 89 -10.51 5.78 10.61
CA GLY B 89 -10.10 4.55 9.95
C GLY B 89 -11.00 3.39 10.30
N LEU B 90 -10.95 2.37 9.46
CA LEU B 90 -11.64 1.11 9.71
C LEU B 90 -10.60 0.09 10.10
N LYS B 91 -10.64 -0.32 11.37
CA LYS B 91 -9.61 -1.18 11.93
C LYS B 91 -9.71 -2.63 11.46
N LYS B 92 -10.96 -3.12 11.31
CA LYS B 92 -11.19 -4.52 11.00
CA LYS B 92 -11.22 -4.53 11.01
C LYS B 92 -11.07 -4.80 9.51
N GLU B 93 -10.24 -5.78 9.17
CA GLU B 93 -10.01 -6.12 7.75
CA GLU B 93 -9.99 -6.16 7.78
C GLU B 93 -11.29 -6.54 7.04
N LYS B 94 -12.15 -7.30 7.73
CA LYS B 94 -13.45 -7.70 7.19
CA LYS B 94 -13.42 -7.70 7.15
C LYS B 94 -14.27 -6.47 6.78
N ASP B 95 -14.25 -5.45 7.63
CA ASP B 95 -15.01 -4.23 7.34
C ASP B 95 -14.47 -3.55 6.10
N ARG B 96 -13.14 -3.46 5.99
CA ARG B 96 -12.54 -2.87 4.80
C ARG B 96 -12.86 -3.70 3.56
N ASN B 97 -12.78 -5.01 3.68
CA ASN B 97 -13.08 -5.87 2.55
C ASN B 97 -14.53 -5.73 2.08
N ASP B 98 -15.45 -5.72 3.03
CA ASP B 98 -16.88 -5.54 2.73
C ASP B 98 -17.12 -4.19 2.07
N LEU B 99 -16.58 -3.12 2.67
CA LEU B 99 -16.74 -1.79 2.14
CA LEU B 99 -16.75 -1.78 2.14
C LEU B 99 -16.18 -1.67 0.72
N ILE B 100 -14.98 -2.22 0.52
CA ILE B 100 -14.34 -2.12 -0.78
C ILE B 100 -15.08 -2.92 -1.84
N THR B 101 -15.64 -4.07 -1.45
CA THR B 101 -16.44 -4.88 -2.38
C THR B 101 -17.65 -4.04 -2.81
N TYR B 102 -18.30 -3.40 -1.85
CA TYR B 102 -19.40 -2.48 -2.18
C TYR B 102 -18.96 -1.36 -3.11
N LEU B 103 -17.85 -0.70 -2.76
CA LEU B 103 -17.39 0.45 -3.55
C LEU B 103 -17.07 0.05 -4.97
N LYS B 104 -16.34 -1.06 -5.14
CA LYS B 104 -15.98 -1.49 -6.47
C LYS B 104 -17.22 -1.65 -7.34
N LYS B 105 -18.28 -2.18 -6.76
CA LYS B 105 -19.54 -2.39 -7.46
C LYS B 105 -20.29 -1.07 -7.72
N ALA B 106 -20.37 -0.23 -6.69
CA ALA B 106 -21.14 1.02 -6.74
C ALA B 106 -20.51 2.12 -7.61
N THR B 107 -19.20 2.08 -7.74
CA THR B 107 -18.49 3.16 -8.43
C THR B 107 -18.14 2.84 -9.89
N GLU B 108 -18.50 1.64 -10.33
CA GLU B 108 -18.27 1.26 -11.72
C GLU B 108 -19.59 1.13 -12.47
CHA HEM C . 15.09 -0.85 3.99
CHB HEM C . 14.31 -3.91 0.33
CHC HEM C . 17.60 -1.53 -2.31
CHD HEM C . 19.27 0.44 1.77
C1A HEM C . 14.51 -1.81 3.19
C2A HEM C . 13.31 -2.55 3.49
C3A HEM C . 13.10 -3.40 2.48
C4A HEM C . 14.15 -3.20 1.50
CMA HEM C . 11.96 -4.41 2.33
CAA HEM C . 12.47 -2.40 4.78
CBA HEM C . 13.07 -3.33 5.83
CGA HEM C . 12.29 -3.40 7.11
O1A HEM C . 12.77 -4.18 7.98
O2A HEM C . 11.27 -2.73 7.26
C1B HEM C . 15.13 -3.55 -0.70
C2B HEM C . 15.13 -4.11 -2.02
C3B HEM C . 16.02 -3.45 -2.77
C4B HEM C . 16.62 -2.43 -1.93
CMB HEM C . 14.25 -5.31 -2.43
CAB HEM C . 16.33 -3.65 -4.26
CBB HEM C . 15.26 -3.43 -5.12
C1C HEM C . 18.37 -0.85 -1.39
C2C HEM C . 19.60 -0.18 -1.73
C3C HEM C . 20.06 0.37 -0.60
C4C HEM C . 19.14 0.07 0.46
CMC HEM C . 20.29 -0.15 -3.13
CAC HEM C . 21.37 1.17 -0.36
CBC HEM C . 21.88 2.09 -1.22
C1D HEM C . 18.28 0.32 2.71
C2D HEM C . 18.30 0.94 4.00
C3D HEM C . 17.03 0.56 4.68
C4D HEM C . 16.33 -0.29 3.74
CMD HEM C . 19.38 1.87 4.57
CAD HEM C . 16.58 1.04 6.06
CBD HEM C . 15.90 2.39 5.75
CGD HEM C . 15.42 3.15 6.95
O1D HEM C . 15.73 2.78 8.11
O2D HEM C . 14.75 4.19 6.74
NA HEM C . 15.01 -2.22 1.96
NB HEM C . 16.05 -2.51 -0.68
NC HEM C . 18.10 -0.67 -0.05
ND HEM C . 17.09 -0.42 2.60
FE HEM C . 16.55 -1.45 0.95
O3 T3Y D . 4.84 -11.17 -14.15
S1 T3Y D . 3.99 -10.20 -14.87
O1 T3Y D . 4.30 -8.85 -14.44
O2 T3Y D . 2.57 -10.51 -14.62
C1 T3Y D . 4.28 -10.35 -16.59
C24 T3Y D . 4.52 -11.62 -17.16
C23 T3Y D . 4.74 -11.73 -18.54
C22 T3Y D . 4.97 -13.12 -19.19
C2 T3Y D . 4.22 -9.21 -17.40
C3 T3Y D . 4.42 -9.32 -18.77
C25 T3Y D . 4.66 -10.58 -19.36
O13 T3Y D . 4.81 -10.68 -20.69
C4 T3Y D . 4.34 -8.06 -19.65
C5 T3Y D . 5.70 -7.38 -19.73
C6 T3Y D . 5.99 -6.31 -18.88
C7 T3Y D . 7.25 -5.69 -18.97
S2 T3Y D . 7.66 -4.37 -17.90
O4 T3Y D . 7.66 -3.11 -18.68
O5 T3Y D . 8.97 -4.59 -17.33
O6 T3Y D . 6.65 -4.28 -16.82
C8 T3Y D . 8.20 -6.15 -19.87
C28 T3Y D . 6.65 -7.82 -20.66
O16 T3Y D . 6.36 -8.83 -21.50
C9 T3Y D . 7.91 -7.21 -20.71
C10 T3Y D . 8.95 -7.68 -21.76
C11 T3Y D . 9.60 -8.99 -21.33
C12 T3Y D . 10.70 -8.96 -20.46
C13 T3Y D . 11.32 -10.15 -20.09
S3 T3Y D . 12.69 -10.12 -18.98
O7 T3Y D . 13.33 -8.80 -19.05
O8 T3Y D . 13.65 -11.16 -19.36
O9 T3Y D . 12.18 -10.37 -17.60
C14 T3Y D . 10.85 -11.37 -20.58
C27 T3Y D . 9.15 -10.20 -21.84
O15 T3Y D . 8.09 -10.22 -22.71
C15 T3Y D . 9.78 -11.39 -21.48
C16 T3Y D . 9.21 -12.73 -21.93
C17 T3Y D . 8.47 -13.28 -20.74
C18 T3Y D . 9.17 -13.95 -19.75
C26 T3Y D . 7.11 -12.99 -20.55
O14 T3Y D . 6.42 -12.31 -21.52
C21 T3Y D . 6.45 -13.40 -19.39
C20 T3Y D . 7.16 -14.11 -18.42
C19 T3Y D . 8.53 -14.38 -18.60
S4 T3Y D . 9.43 -15.21 -17.36
O11 T3Y D . 8.54 -16.11 -16.63
O10 T3Y D . 10.54 -15.96 -17.98
O12 T3Y D . 9.97 -14.19 -16.44
CHA HEM E . -11.00 11.64 -0.13
CHB HEM E . -13.12 7.35 0.46
CHC HEM E . -15.05 8.94 4.60
CHD HEM E . -13.94 13.45 3.30
C1A HEM E . -11.35 10.32 -0.26
C2A HEM E . -10.78 9.42 -1.24
C3A HEM E . -11.36 8.23 -1.06
C4A HEM E . -12.32 8.35 0.01
CMA HEM E . -11.13 6.92 -1.84
CAA HEM E . -9.72 9.79 -2.28
CBA HEM E . -10.47 10.29 -3.52
CGA HEM E . -9.58 10.54 -4.71
O1A HEM E . -10.09 10.97 -5.78
O2A HEM E . -8.35 10.34 -4.65
C1B HEM E . -13.83 7.43 1.62
C2B HEM E . -14.52 6.32 2.23
C3B HEM E . -15.02 6.74 3.39
C4B HEM E . -14.70 8.13 3.53
CMB HEM E . -14.61 4.91 1.59
CAB HEM E . -15.82 5.91 4.42
CBB HEM E . -15.11 4.91 5.04
C1C HEM E . -14.96 10.30 4.59
C2C HEM E . -15.59 11.20 5.51
C3C HEM E . -15.28 12.46 5.16
C4C HEM E . -14.46 12.38 3.98
CMC HEM E . -16.46 10.77 6.71
CAC HEM E . -15.70 13.80 5.79
CBC HEM E . -15.67 14.06 7.11
C1D HEM E . -13.01 13.38 2.30
C2D HEM E . -12.30 14.52 1.79
C3D HEM E . -11.40 13.96 0.72
C4D HEM E . -11.63 12.54 0.70
CMD HEM E . -12.46 15.98 2.25
CAD HEM E . -10.40 14.76 -0.13
CBD HEM E . -9.09 14.67 0.64
CGD HEM E . -8.00 15.58 0.16
O1D HEM E . -8.15 16.28 -0.88
O2D HEM E . -6.93 15.56 0.82
NA HEM E . -12.28 9.64 0.49
NB HEM E . -13.96 8.54 2.45
NC HEM E . -14.29 11.05 3.65
ND HEM E . -12.59 12.24 1.64
FE HEM E . -13.27 10.35 2.08
O3 T3Y F . -30.49 -5.17 6.09
S1 T3Y F . -31.78 -5.88 6.08
O1 T3Y F . -32.88 -4.93 5.81
O2 T3Y F . -31.99 -6.52 7.40
C1 T3Y F . -31.76 -7.11 4.84
C24 T3Y F . -31.36 -8.42 5.16
C23 T3Y F . -31.34 -9.40 4.19
C22 T3Y F . -30.91 -10.80 4.53
C2 T3Y F . -32.16 -6.81 3.55
C3 T3Y F . -32.16 -7.80 2.58
C25 T3Y F . -31.75 -9.10 2.90
O13 T3Y F . -31.75 -10.07 1.96
C4 T3Y F . -32.58 -7.45 1.16
C5 T3Y F . -31.34 -7.21 0.29
C6 T3Y F . -30.73 -5.96 0.28
C7 T3Y F . -29.60 -5.74 -0.52
S2 T3Y F . -28.83 -4.17 -0.55
O4 T3Y F . -29.25 -3.44 -1.73
O5 T3Y F . -27.37 -4.36 -0.57
O6 T3Y F . -29.21 -3.42 0.66
C8 T3Y F . -29.09 -6.79 -1.30
C28 T3Y F . -30.84 -8.24 -0.49
O16 T3Y F . -31.45 -9.46 -0.48
C9 T3Y F . -29.71 -8.03 -1.29
C10 T3Y F . -29.14 -9.15 -2.17
C11 T3Y F . -27.97 -9.82 -1.45
C12 T3Y F . -26.65 -9.46 -1.76
C13 T3Y F . -25.60 -10.09 -1.08
S3 T3Y F . -23.94 -9.67 -1.43
O7 T3Y F . -23.09 -10.14 -0.32
O8 T3Y F . -23.83 -8.22 -1.59
O9 T3Y F . -23.52 -10.34 -2.69
C14 T3Y F . -25.86 -11.04 -0.11
C27 T3Y F . -28.23 -10.78 -0.49
O15 T3Y F . -29.50 -11.14 -0.19
C15 T3Y F . -27.16 -11.38 0.20
C16 T3Y F . -27.43 -12.43 1.24
C17 T3Y F . -27.77 -11.80 2.58
C18 T3Y F . -26.77 -11.49 3.49
C26 T3Y F . -29.10 -11.58 2.92
O14 T3Y F . -30.07 -11.88 2.03
C21 T3Y F . -29.44 -11.03 4.16
C20 T3Y F . -28.44 -10.72 5.07
C19 T3Y F . -27.11 -10.95 4.73
S4 T3Y F . -25.85 -10.58 5.88
O11 T3Y F . -25.17 -11.84 6.27
O10 T3Y F . -24.88 -9.68 5.25
O12 T3Y F . -26.43 -9.94 7.07
O3 T3Y G . -26.14 7.25 -13.38
S1 T3Y G . -26.01 6.00 -14.16
O1 T3Y G . -27.32 5.31 -14.25
O2 T3Y G . -25.03 5.10 -13.50
C1 T3Y G . -25.44 6.38 -15.77
C24 T3Y G . -24.79 5.41 -16.50
C23 T3Y G . -24.34 5.68 -17.79
C22 T3Y G . -23.63 4.61 -18.57
C2 T3Y G . -25.65 7.64 -16.32
C3 T3Y G . -25.19 7.93 -17.61
C25 T3Y G . -24.54 6.95 -18.34
O13 T3Y G . -24.11 7.20 -19.60
C4 T3Y G . -25.43 9.31 -18.23
C5 T3Y G . -24.16 10.15 -18.12
C6 T3Y G . -23.92 10.87 -16.96
C7 T3Y G . -22.79 11.66 -16.85
S2 T3Y G . -22.50 12.54 -15.39
O4 T3Y G . -22.52 14.01 -15.67
O5 T3Y G . -21.19 12.16 -14.82
O6 T3Y G . -23.57 12.22 -14.43
C8 T3Y G . -21.89 11.75 -17.90
C28 T3Y G . -23.26 10.24 -19.18
O16 T3Y G . -23.50 9.55 -20.34
C9 T3Y G . -22.13 11.04 -19.07
C10 T3Y G . -21.14 11.13 -20.22
C11 T3Y G . -20.04 10.10 -20.02
C12 T3Y G . -18.84 10.46 -19.43
C13 T3Y G . -17.83 9.51 -19.26
S3 T3Y G . -16.32 9.97 -18.52
O7 T3Y G . -16.25 9.43 -17.15
O8 T3Y G . -16.21 11.44 -18.48
O9 T3Y G . -15.20 9.41 -19.32
C14 T3Y G . -18.03 8.20 -19.65
C27 T3Y G . -20.24 8.78 -20.42
O15 T3Y G . -21.42 8.40 -20.99
C15 T3Y G . -19.22 7.84 -20.26
C16 T3Y G . -19.45 6.40 -20.65
C17 T3Y G . -20.15 5.70 -19.51
C18 T3Y G . -19.42 5.31 -18.39
C26 T3Y G . -21.51 5.49 -19.56
O14 T3Y G . -22.21 5.87 -20.66
C21 T3Y G . -22.15 4.86 -18.50
C20 T3Y G . -21.43 4.47 -17.38
C19 T3Y G . -20.06 4.70 -17.32
S4 T3Y G . -19.12 4.22 -15.91
O11 T3Y G . -18.55 5.40 -15.36
O10 T3Y G . -18.13 3.32 -16.34
O12 T3Y G . -20.02 3.61 -15.00
#